data_7AFZ
#
_entry.id   7AFZ
#
_cell.length_a   104.780
_cell.length_b   104.780
_cell.length_c   98.110
_cell.angle_alpha   90.000
_cell.angle_beta   90.000
_cell.angle_gamma   120.000
#
_symmetry.space_group_name_H-M   'P 64 2 2'
#
loop_
_entity.id
_entity.type
_entity.pdbx_description
1 polymer 'Metallo-beta-lactamase L1'
2 non-polymer 'ZINC ION'
3 non-polymer '3-[3-chloranyl-4-(methylsulfonylmethyl)phenyl]-7-propan-2-yl-1~{H}-indole-2-carboxylic acid'
4 non-polymer 'SULFATE ION'
5 water water
#
_entity_poly.entity_id   1
_entity_poly.type   'polypeptide(L)'
_entity_poly.pdbx_seq_one_letter_code
;GPAEVPLPQLRAYTVDASWLQPMAPLQIADHTWQIGTEDLTALLVQTPDGAVLLDGGMPQMASHLLDNMKARGVTPRDLR
LILLSHAHADHAGPVAELKRRTGAKVAANAESAVLLARGGSDDLHFGDGITYPPANADRIVMDGEVITVGGIVFTAHFMA
GHTPGSTAWTWTDTRNGKPVRIAYADSLSAPGYQLQGNPRYPHLIEDYRRSFATVRALPCDVLLTPHPGASNWDYAAGAR
AGAKALTCKAYADAAEQKFDGQLAKETAGAR
;
_entity_poly.pdbx_strand_id   A
#
loop_
_chem_comp.id
_chem_comp.type
_chem_comp.name
_chem_comp.formula
RBW non-polymer '3-[3-chloranyl-4-(methylsulfonylmethyl)phenyl]-7-propan-2-yl-1~{H}-indole-2-carboxylic acid' 'C20 H20 Cl N O4 S'
SO4 non-polymer 'SULFATE ION' 'O4 S -2'
ZN non-polymer 'ZINC ION' 'Zn 2'
#
# COMPACT_ATOMS: atom_id res chain seq x y z
N GLU A 4 26.86 34.79 -0.93
CA GLU A 4 27.44 34.00 -2.01
C GLU A 4 26.43 32.94 -2.45
N VAL A 5 26.42 31.76 -1.82
CA VAL A 5 25.55 30.68 -2.29
C VAL A 5 24.65 30.23 -1.15
N PRO A 6 23.35 30.47 -1.21
CA PRO A 6 22.48 30.03 -0.13
C PRO A 6 22.29 28.51 -0.17
N LEU A 7 21.93 27.96 0.98
CA LEU A 7 21.53 26.57 0.99
C LEU A 7 20.34 26.35 0.07
N PRO A 8 20.16 25.16 -0.49
CA PRO A 8 19.06 24.93 -1.42
C PRO A 8 17.71 25.04 -0.74
N GLN A 9 16.71 25.44 -1.51
CA GLN A 9 15.35 25.38 -1.00
C GLN A 9 14.93 23.93 -0.82
N LEU A 10 14.01 23.70 0.10
CA LEU A 10 13.43 22.37 0.21
C LEU A 10 12.72 22.03 -1.10
N ARG A 11 12.78 20.75 -1.47
CA ARG A 11 12.15 20.25 -2.68
C ARG A 11 11.11 19.24 -2.31
N ALA A 12 9.86 19.51 -2.67
CA ALA A 12 8.83 18.51 -2.53
C ALA A 12 9.07 17.40 -3.56
N TYR A 13 8.80 16.17 -3.18
CA TYR A 13 8.93 15.11 -4.18
C TYR A 13 7.71 15.20 -5.09
N THR A 14 7.98 15.39 -6.36
CA THR A 14 6.93 15.47 -7.35
C THR A 14 6.84 14.13 -8.06
N VAL A 15 5.61 13.72 -8.33
CA VAL A 15 5.32 12.40 -8.85
C VAL A 15 4.72 12.56 -10.25
N ASP A 16 4.69 11.45 -10.96
CA ASP A 16 4.03 11.42 -12.27
C ASP A 16 2.59 11.88 -12.12
N ALA A 17 2.10 12.58 -13.12
CA ALA A 17 0.76 13.16 -13.01
C ALA A 17 -0.31 12.09 -12.82
N SER A 18 -0.12 10.91 -13.43
CA SER A 18 -1.12 9.84 -13.30
C SER A 18 -1.28 9.40 -11.85
N TRP A 19 -0.23 9.56 -11.03
CA TRP A 19 -0.36 9.21 -9.62
C TRP A 19 -1.35 10.10 -8.89
N LEU A 20 -1.62 11.27 -9.45
CA LEU A 20 -2.47 12.29 -8.83
C LEU A 20 -3.75 12.50 -9.61
N GLN A 21 -4.04 11.64 -10.59
CA GLN A 21 -5.21 11.83 -11.43
C GLN A 21 -6.43 11.19 -10.77
N PRO A 22 -7.40 11.97 -10.28
CA PRO A 22 -8.55 11.35 -9.61
C PRO A 22 -9.32 10.43 -10.54
N MET A 23 -9.90 9.39 -9.96
CA MET A 23 -10.83 8.53 -10.67
C MET A 23 -12.05 8.26 -9.80
N ALA A 24 -13.16 7.96 -10.46
CA ALA A 24 -14.35 7.51 -9.75
C ALA A 24 -14.14 6.10 -9.22
N PRO A 25 -14.95 5.68 -8.25
CA PRO A 25 -14.79 4.33 -7.70
C PRO A 25 -14.92 3.24 -8.75
N LEU A 26 -14.01 2.27 -8.68
CA LEU A 26 -13.97 1.13 -9.59
C LEU A 26 -14.15 -0.13 -8.76
N GLN A 27 -15.19 -0.90 -9.05
CA GLN A 27 -15.50 -2.07 -8.23
C GLN A 27 -14.59 -3.23 -8.58
N ILE A 28 -13.98 -3.81 -7.54
CA ILE A 28 -13.11 -4.99 -7.67
C ILE A 28 -13.87 -6.28 -7.35
N ALA A 29 -14.67 -6.25 -6.29
CA ALA A 29 -15.54 -7.35 -5.90
C ALA A 29 -16.74 -6.76 -5.15
N ASP A 30 -17.60 -7.63 -4.60
CA ASP A 30 -18.90 -7.17 -4.13
C ASP A 30 -18.77 -6.04 -3.10
N HIS A 31 -17.76 -6.12 -2.25
CA HIS A 31 -17.58 -5.10 -1.21
C HIS A 31 -16.31 -4.27 -1.35
N THR A 32 -15.54 -4.46 -2.41
CA THR A 32 -14.20 -3.91 -2.51
C THR A 32 -14.08 -3.00 -3.73
N TRP A 33 -13.63 -1.76 -3.50
CA TRP A 33 -13.56 -0.73 -4.53
C TRP A 33 -12.22 -0.04 -4.52
N GLN A 34 -11.71 0.26 -5.71
CA GLN A 34 -10.59 1.18 -5.85
C GLN A 34 -11.13 2.61 -5.89
N ILE A 35 -10.66 3.45 -4.95
CA ILE A 35 -11.18 4.81 -4.85
C ILE A 35 -10.06 5.86 -4.86
N GLY A 36 -8.84 5.45 -5.22
CA GLY A 36 -7.73 6.38 -5.27
C GLY A 36 -7.59 7.11 -6.59
N THR A 37 -6.39 7.11 -7.13
CA THR A 37 -6.12 7.75 -8.40
C THR A 37 -5.83 6.69 -9.44
N GLU A 38 -5.60 7.14 -10.67
N GLU A 38 -5.60 7.15 -10.67
CA GLU A 38 -5.36 6.19 -11.74
CA GLU A 38 -5.36 6.21 -11.76
C GLU A 38 -4.16 5.31 -11.43
C GLU A 38 -4.14 5.33 -11.48
N ASP A 39 -3.14 5.87 -10.78
CA ASP A 39 -1.88 5.13 -10.59
C ASP A 39 -1.48 4.97 -9.12
N LEU A 40 -2.40 5.21 -8.17
CA LEU A 40 -2.17 4.84 -6.78
C LEU A 40 -3.42 4.18 -6.23
N THR A 41 -3.23 3.00 -5.66
CA THR A 41 -4.29 2.24 -5.08
C THR A 41 -4.71 2.79 -3.73
N ALA A 42 -6.03 2.85 -3.53
CA ALA A 42 -6.63 3.10 -2.22
C ALA A 42 -7.91 2.28 -2.23
N LEU A 43 -7.95 1.23 -1.42
CA LEU A 43 -9.06 0.27 -1.47
C LEU A 43 -10.06 0.52 -0.36
N LEU A 44 -11.32 0.66 -0.74
CA LEU A 44 -12.42 0.78 0.21
C LEU A 44 -13.13 -0.57 0.27
N VAL A 45 -13.22 -1.14 1.46
CA VAL A 45 -14.00 -2.34 1.70
C VAL A 45 -15.17 -1.95 2.58
N GLN A 46 -16.38 -2.19 2.08
CA GLN A 46 -17.61 -1.76 2.70
C GLN A 46 -18.32 -2.95 3.31
N THR A 47 -18.68 -2.85 4.58
CA THR A 47 -19.36 -3.90 5.33
C THR A 47 -20.61 -3.33 5.98
N PRO A 48 -21.52 -4.18 6.44
CA PRO A 48 -22.68 -3.67 7.18
C PRO A 48 -22.31 -2.95 8.47
N ASP A 49 -21.07 -3.13 8.96
CA ASP A 49 -20.63 -2.54 10.22
C ASP A 49 -19.54 -1.49 10.04
N GLY A 50 -19.52 -0.81 8.91
CA GLY A 50 -18.53 0.23 8.67
C GLY A 50 -17.54 -0.19 7.60
N ALA A 51 -16.68 0.77 7.25
CA ALA A 51 -15.79 0.63 6.11
C ALA A 51 -14.33 0.59 6.54
N VAL A 52 -13.54 -0.06 5.71
CA VAL A 52 -12.10 -0.16 5.85
C VAL A 52 -11.44 0.49 4.65
N LEU A 53 -10.40 1.27 4.89
CA LEU A 53 -9.58 1.82 3.83
C LEU A 53 -8.20 1.17 3.91
N LEU A 54 -7.73 0.62 2.79
CA LEU A 54 -6.37 0.11 2.69
C LEU A 54 -5.58 1.03 1.79
N ASP A 55 -4.67 1.81 2.41
CA ASP A 55 -3.87 2.85 1.79
C ASP A 55 -4.72 4.06 1.38
N GLY A 56 -4.08 5.21 1.31
CA GLY A 56 -4.75 6.43 0.90
C GLY A 56 -4.01 7.18 -0.19
N GLY A 57 -2.83 6.69 -0.59
CA GLY A 57 -2.07 7.39 -1.60
C GLY A 57 -1.26 8.56 -1.07
N MET A 58 -1.21 9.64 -1.84
CA MET A 58 -0.42 10.83 -1.52
C MET A 58 -1.16 11.74 -0.55
N PRO A 59 -0.43 12.63 0.12
CA PRO A 59 -1.07 13.51 1.13
C PRO A 59 -2.21 14.33 0.57
N GLN A 60 -2.10 14.80 -0.66
CA GLN A 60 -3.12 15.68 -1.19
C GLN A 60 -4.38 14.94 -1.65
N MET A 61 -4.46 13.62 -1.46
CA MET A 61 -5.62 12.83 -1.88
C MET A 61 -6.73 12.74 -0.84
N ALA A 62 -6.57 13.33 0.35
CA ALA A 62 -7.56 13.09 1.41
C ALA A 62 -8.98 13.48 0.99
N SER A 63 -9.16 14.68 0.43
CA SER A 63 -10.50 15.14 0.11
C SER A 63 -11.11 14.29 -1.00
N HIS A 64 -10.30 13.92 -1.98
CA HIS A 64 -10.80 13.05 -3.04
C HIS A 64 -11.27 11.71 -2.49
N LEU A 65 -10.52 11.14 -1.55
CA LEU A 65 -10.93 9.88 -0.94
C LEU A 65 -12.27 10.01 -0.24
N LEU A 66 -12.43 11.10 0.53
CA LEU A 66 -13.67 11.32 1.24
C LEU A 66 -14.83 11.52 0.26
N ASP A 67 -14.57 12.18 -0.88
CA ASP A 67 -15.61 12.34 -1.91
C ASP A 67 -16.04 10.98 -2.46
N ASN A 68 -15.07 10.09 -2.73
CA ASN A 68 -15.40 8.80 -3.28
C ASN A 68 -16.08 7.92 -2.24
N MET A 69 -15.66 8.02 -0.98
CA MET A 69 -16.39 7.33 0.08
C MET A 69 -17.85 7.79 0.12
N LYS A 70 -18.08 9.10 0.08
CA LYS A 70 -19.45 9.61 0.09
C LYS A 70 -20.24 9.06 -1.10
N ALA A 71 -19.62 9.00 -2.28
CA ALA A 71 -20.28 8.45 -3.46
C ALA A 71 -20.70 6.99 -3.25
N ARG A 72 -19.97 6.26 -2.40
CA ARG A 72 -20.25 4.87 -2.09
C ARG A 72 -21.22 4.68 -0.93
N GLY A 73 -21.64 5.76 -0.29
CA GLY A 73 -22.53 5.65 0.86
C GLY A 73 -21.81 5.62 2.19
N VAL A 74 -20.51 5.91 2.20
CA VAL A 74 -19.68 5.85 3.40
C VAL A 74 -19.45 7.28 3.88
N THR A 75 -20.05 7.64 5.02
CA THR A 75 -19.80 8.92 5.64
C THR A 75 -18.52 8.88 6.47
N PRO A 76 -18.02 10.03 6.90
CA PRO A 76 -16.79 10.03 7.72
C PRO A 76 -16.92 9.18 8.97
N ARG A 77 -18.06 9.20 9.64
CA ARG A 77 -18.23 8.37 10.82
C ARG A 77 -18.21 6.88 10.49
N ASP A 78 -18.51 6.50 9.23
CA ASP A 78 -18.59 5.09 8.86
C ASP A 78 -17.23 4.47 8.61
N LEU A 79 -16.20 5.28 8.38
CA LEU A 79 -14.86 4.74 8.14
C LEU A 79 -14.27 4.36 9.49
N ARG A 80 -14.08 3.06 9.69
CA ARG A 80 -13.69 2.53 10.99
C ARG A 80 -12.20 2.25 11.09
N LEU A 81 -11.57 1.89 9.98
CA LEU A 81 -10.26 1.28 10.05
C LEU A 81 -9.47 1.68 8.81
N ILE A 82 -8.22 2.06 9.03
CA ILE A 82 -7.25 2.27 7.96
C ILE A 82 -6.14 1.24 8.16
N LEU A 83 -5.86 0.49 7.11
CA LEU A 83 -4.74 -0.43 7.03
C LEU A 83 -3.79 0.10 5.97
N LEU A 84 -2.51 -0.27 6.11
CA LEU A 84 -1.47 0.21 5.20
C LEU A 84 -0.65 -0.93 4.63
N SER A 85 -0.27 -0.76 3.37
CA SER A 85 0.76 -1.61 2.78
C SER A 85 2.12 -1.27 3.37
N HIS A 86 2.54 -0.01 3.23
CA HIS A 86 3.73 0.48 3.91
C HIS A 86 3.63 1.99 4.06
N ALA A 87 4.40 2.52 4.99
CA ALA A 87 4.21 3.90 5.44
C ALA A 87 5.14 4.88 4.71
N HIS A 88 5.16 4.81 3.39
CA HIS A 88 5.75 5.88 2.58
C HIS A 88 4.71 6.91 2.19
N ALA A 89 5.21 8.09 1.79
CA ALA A 89 4.34 9.24 1.55
C ALA A 89 3.33 8.99 0.45
N ASP A 90 3.64 8.13 -0.51
CA ASP A 90 2.74 7.90 -1.62
C ASP A 90 1.69 6.83 -1.33
N HIS A 91 1.66 6.29 -0.10
CA HIS A 91 0.62 5.36 0.28
C HIS A 91 -0.06 5.72 1.58
N ALA A 92 0.68 6.28 2.54
CA ALA A 92 0.14 6.70 3.83
C ALA A 92 0.01 8.21 3.91
N GLY A 93 0.26 8.92 2.82
CA GLY A 93 0.31 10.36 2.84
C GLY A 93 -0.83 11.04 3.57
N PRO A 94 -2.09 10.66 3.30
CA PRO A 94 -3.23 11.38 3.88
C PRO A 94 -3.75 10.81 5.18
N VAL A 95 -3.05 9.83 5.77
CA VAL A 95 -3.60 9.13 6.93
C VAL A 95 -3.89 10.09 8.07
N ALA A 96 -2.95 11.00 8.38
CA ALA A 96 -3.18 11.89 9.52
C ALA A 96 -4.45 12.72 9.33
N GLU A 97 -4.62 13.27 8.13
CA GLU A 97 -5.79 14.08 7.84
C GLU A 97 -7.06 13.23 7.87
N LEU A 98 -7.01 12.03 7.32
CA LEU A 98 -8.17 11.15 7.39
C LEU A 98 -8.57 10.84 8.82
N LYS A 99 -7.58 10.65 9.71
CA LYS A 99 -7.93 10.39 11.12
C LYS A 99 -8.61 11.59 11.75
N ARG A 100 -8.17 12.80 11.39
CA ARG A 100 -8.80 14.00 11.92
C ARG A 100 -10.21 14.18 11.40
N ARG A 101 -10.50 13.75 10.18
CA ARG A 101 -11.75 14.05 9.52
C ARG A 101 -12.75 12.90 9.54
N THR A 102 -12.36 11.72 10.04
CA THR A 102 -13.24 10.55 10.09
C THR A 102 -13.14 9.87 11.45
N GLY A 103 -13.97 8.84 11.64
CA GLY A 103 -13.81 8.01 12.81
C GLY A 103 -12.69 6.99 12.75
N ALA A 104 -11.85 7.02 11.73
CA ALA A 104 -10.99 5.89 11.43
C ALA A 104 -9.84 5.76 12.43
N LYS A 105 -9.54 4.53 12.78
CA LYS A 105 -8.37 4.19 13.55
C LYS A 105 -7.42 3.40 12.66
N VAL A 106 -6.14 3.52 12.92
CA VAL A 106 -5.08 2.87 12.15
C VAL A 106 -4.61 1.62 12.86
N ALA A 107 -4.50 0.52 12.11
CA ALA A 107 -3.84 -0.68 12.59
C ALA A 107 -2.64 -0.94 11.70
N ALA A 108 -1.48 -1.17 12.32
CA ALA A 108 -0.26 -1.39 11.56
C ALA A 108 0.74 -2.16 12.42
N ASN A 109 1.72 -2.79 11.77
CA ASN A 109 2.77 -3.42 12.54
C ASN A 109 3.72 -2.38 13.13
N ALA A 110 4.57 -2.82 14.05
CA ALA A 110 5.41 -1.89 14.79
C ALA A 110 6.31 -1.10 13.85
N GLU A 111 6.91 -1.75 12.86
CA GLU A 111 7.81 -1.04 11.96
C GLU A 111 7.05 0.05 11.21
N SER A 112 5.87 -0.29 10.70
CA SER A 112 5.09 0.73 10.00
C SER A 112 4.63 1.82 10.93
N ALA A 113 4.24 1.46 12.16
CA ALA A 113 3.81 2.45 13.13
C ALA A 113 4.92 3.45 13.44
N VAL A 114 6.17 2.98 13.61
CA VAL A 114 7.20 3.96 13.97
C VAL A 114 7.52 4.86 12.76
N LEU A 115 7.45 4.33 11.54
CA LEU A 115 7.75 5.15 10.38
C LEU A 115 6.61 6.14 10.15
N LEU A 116 5.36 5.70 10.34
CA LEU A 116 4.21 6.59 10.24
C LEU A 116 4.29 7.71 11.28
N ALA A 117 4.68 7.38 12.50
CA ALA A 117 4.74 8.36 13.57
C ALA A 117 5.83 9.40 13.35
N ARG A 118 6.85 9.11 12.53
CA ARG A 118 7.80 10.16 12.18
C ARG A 118 7.55 10.71 10.77
N GLY A 119 6.36 10.49 10.23
CA GLY A 119 5.98 11.07 8.95
C GLY A 119 6.92 10.69 7.83
N GLY A 120 7.47 9.48 7.88
CA GLY A 120 8.38 9.04 6.85
C GLY A 120 9.75 9.66 6.89
N SER A 121 10.05 10.47 7.89
CA SER A 121 11.38 11.06 8.02
C SER A 121 12.39 10.00 8.44
N ASP A 122 13.66 10.32 8.27
CA ASP A 122 14.76 9.40 8.57
C ASP A 122 14.49 8.02 7.98
N ASP A 123 14.06 8.03 6.72
CA ASP A 123 13.87 6.79 5.97
C ASP A 123 15.21 6.09 5.79
N LEU A 124 15.19 4.76 5.84
CA LEU A 124 16.44 4.02 5.77
C LEU A 124 17.19 4.31 4.49
N HIS A 125 16.47 4.64 3.42
CA HIS A 125 17.08 4.85 2.11
C HIS A 125 16.94 6.27 1.58
N PHE A 126 15.85 6.96 1.90
CA PHE A 126 15.52 8.27 1.34
C PHE A 126 15.80 9.41 2.31
N GLY A 127 16.25 9.11 3.53
CA GLY A 127 16.51 10.20 4.47
C GLY A 127 15.25 10.98 4.74
N ASP A 128 15.32 12.31 4.58
CA ASP A 128 14.16 13.18 4.79
C ASP A 128 13.56 13.65 3.47
N GLY A 129 13.84 12.94 2.38
CA GLY A 129 13.42 13.39 1.07
C GLY A 129 11.96 13.20 0.76
N ILE A 130 11.24 12.37 1.51
CA ILE A 130 9.85 12.07 1.23
C ILE A 130 9.03 12.05 2.53
N THR A 131 8.94 13.18 3.20
CA THR A 131 8.19 13.23 4.45
C THR A 131 6.73 13.57 4.19
N TYR A 132 5.91 13.30 5.18
CA TYR A 132 4.48 13.56 5.11
C TYR A 132 3.97 13.76 6.53
N PRO A 133 2.72 14.19 6.71
CA PRO A 133 2.24 14.47 8.07
C PRO A 133 2.23 13.21 8.94
N PRO A 134 2.82 13.26 10.12
CA PRO A 134 2.87 12.05 10.96
C PRO A 134 1.51 11.68 11.50
N ALA A 135 1.36 10.38 11.77
CA ALA A 135 0.15 9.86 12.39
C ALA A 135 0.51 8.75 13.35
N ASN A 136 -0.35 8.54 14.33
CA ASN A 136 -0.20 7.48 15.32
C ASN A 136 -1.06 6.29 14.93
N ALA A 137 -0.52 5.09 15.15
CA ALA A 137 -1.29 3.87 15.06
C ALA A 137 -2.08 3.64 16.34
N ASP A 138 -3.30 3.15 16.20
CA ASP A 138 -4.17 2.84 17.32
C ASP A 138 -4.08 1.40 17.76
N ARG A 139 -3.61 0.53 16.88
CA ARG A 139 -3.50 -0.89 17.16
C ARG A 139 -2.26 -1.39 16.46
N ILE A 140 -1.44 -2.15 17.18
CA ILE A 140 -0.25 -2.78 16.61
C ILE A 140 -0.62 -4.22 16.27
N VAL A 141 -0.33 -4.63 15.04
CA VAL A 141 -0.62 -6.00 14.62
C VAL A 141 0.68 -6.79 14.45
N MET A 142 0.55 -8.09 14.70
CA MET A 142 1.62 -9.05 14.54
C MET A 142 1.41 -9.86 13.26
N ASP A 143 2.48 -10.54 12.84
CA ASP A 143 2.41 -11.29 11.59
C ASP A 143 1.35 -12.38 11.71
N GLY A 144 0.48 -12.46 10.71
CA GLY A 144 -0.57 -13.46 10.71
C GLY A 144 -1.79 -13.10 11.53
N GLU A 145 -1.79 -11.93 12.17
CA GLU A 145 -2.94 -11.52 12.97
C GLU A 145 -4.10 -11.13 12.06
N VAL A 146 -5.31 -11.38 12.54
CA VAL A 146 -6.51 -11.05 11.80
C VAL A 146 -7.21 -9.86 12.45
N ILE A 147 -7.88 -9.07 11.62
CA ILE A 147 -8.77 -8.02 12.07
C ILE A 147 -10.08 -8.18 11.33
N THR A 148 -11.19 -8.10 12.03
CA THR A 148 -12.51 -8.39 11.46
C THR A 148 -13.37 -7.15 11.53
N VAL A 149 -13.95 -6.77 10.39
CA VAL A 149 -14.83 -5.62 10.33
C VAL A 149 -16.07 -6.05 9.60
N GLY A 150 -17.22 -5.91 10.26
CA GLY A 150 -18.49 -6.26 9.65
C GLY A 150 -18.43 -7.58 8.94
N GLY A 151 -17.69 -8.53 9.51
CA GLY A 151 -17.65 -9.86 8.99
C GLY A 151 -16.68 -10.10 7.86
N ILE A 152 -15.90 -9.11 7.47
CA ILE A 152 -14.78 -9.31 6.56
C ILE A 152 -13.51 -9.44 7.38
N VAL A 153 -12.77 -10.50 7.13
CA VAL A 153 -11.59 -10.86 7.93
C VAL A 153 -10.37 -10.52 7.11
N PHE A 154 -9.54 -9.61 7.65
CA PHE A 154 -8.29 -9.19 7.04
C PHE A 154 -7.14 -9.84 7.77
N THR A 155 -6.24 -10.48 7.03
CA THR A 155 -5.08 -11.14 7.61
C THR A 155 -3.82 -10.42 7.15
N ALA A 156 -2.94 -10.12 8.10
CA ALA A 156 -1.66 -9.48 7.80
C ALA A 156 -0.61 -10.53 7.48
N HIS A 157 0.17 -10.28 6.42
CA HIS A 157 1.28 -11.14 6.05
C HIS A 157 2.51 -10.25 5.88
N PHE A 158 3.44 -10.29 6.82
CA PHE A 158 4.59 -9.39 6.75
C PHE A 158 5.45 -9.78 5.57
N MET A 159 5.94 -8.79 4.85
CA MET A 159 6.78 -9.00 3.68
C MET A 159 7.80 -7.85 3.63
N ALA A 160 8.62 -7.82 4.67
CA ALA A 160 9.65 -6.79 4.81
C ALA A 160 10.56 -6.71 3.60
N GLY A 161 10.98 -5.49 3.29
CA GLY A 161 12.02 -5.26 2.30
C GLY A 161 11.91 -3.86 1.76
N HIS A 162 10.85 -3.60 0.99
CA HIS A 162 10.66 -2.25 0.48
C HIS A 162 10.65 -1.24 1.63
N THR A 163 9.98 -1.57 2.72
CA THR A 163 10.22 -0.98 4.03
C THR A 163 10.29 -2.14 5.01
N PRO A 164 10.90 -1.93 6.18
CA PRO A 164 10.87 -2.99 7.20
C PRO A 164 9.48 -3.44 7.56
N GLY A 165 8.51 -2.55 7.48
CA GLY A 165 7.15 -2.82 7.90
C GLY A 165 6.21 -3.24 6.80
N SER A 166 6.70 -3.45 5.58
CA SER A 166 5.85 -3.80 4.44
C SER A 166 5.00 -5.02 4.75
N THR A 167 3.72 -4.93 4.40
CA THR A 167 2.69 -5.88 4.78
C THR A 167 1.82 -6.17 3.57
N ALA A 168 1.47 -7.44 3.38
CA ALA A 168 0.37 -7.80 2.50
C ALA A 168 -0.87 -8.04 3.35
N TRP A 169 -2.01 -7.61 2.83
CA TRP A 169 -3.28 -7.83 3.48
C TRP A 169 -4.14 -8.72 2.59
N THR A 170 -4.75 -9.75 3.17
CA THR A 170 -5.63 -10.63 2.42
C THR A 170 -7.02 -10.71 3.06
N TRP A 171 -8.02 -10.85 2.21
CA TRP A 171 -9.38 -11.07 2.69
C TRP A 171 -10.16 -11.75 1.58
N THR A 172 -11.30 -12.32 1.95
CA THR A 172 -12.18 -13.00 1.00
C THR A 172 -13.43 -12.16 0.83
N ASP A 173 -13.69 -11.76 -0.41
CA ASP A 173 -14.90 -11.09 -0.83
C ASP A 173 -15.70 -12.08 -1.68
N THR A 174 -16.74 -11.59 -2.34
CA THR A 174 -17.52 -12.43 -3.24
C THR A 174 -17.67 -11.73 -4.56
N ARG A 175 -17.98 -12.54 -5.57
CA ARG A 175 -18.29 -12.04 -6.90
C ARG A 175 -19.08 -13.13 -7.61
N ASN A 176 -20.24 -12.78 -8.15
CA ASN A 176 -21.06 -13.75 -8.88
C ASN A 176 -21.38 -14.97 -8.01
N GLY A 177 -21.65 -14.72 -6.73
CA GLY A 177 -21.98 -15.76 -5.78
C GLY A 177 -20.83 -16.62 -5.30
N LYS A 178 -19.60 -16.38 -5.78
CA LYS A 178 -18.49 -17.24 -5.45
C LYS A 178 -17.43 -16.48 -4.67
N PRO A 179 -16.72 -17.15 -3.77
CA PRO A 179 -15.65 -16.47 -3.03
C PRO A 179 -14.55 -15.98 -3.96
N VAL A 180 -13.97 -14.84 -3.59
CA VAL A 180 -12.82 -14.27 -4.29
C VAL A 180 -11.79 -13.92 -3.23
N ARG A 181 -10.66 -14.62 -3.24
CA ARG A 181 -9.58 -14.35 -2.30
C ARG A 181 -8.70 -13.22 -2.85
N ILE A 182 -8.82 -12.06 -2.24
CA ILE A 182 -8.10 -10.86 -2.65
C ILE A 182 -6.80 -10.75 -1.86
N ALA A 183 -5.71 -10.50 -2.57
CA ALA A 183 -4.40 -10.29 -1.95
C ALA A 183 -3.94 -8.90 -2.34
N TYR A 184 -3.81 -8.02 -1.36
CA TYR A 184 -3.22 -6.71 -1.55
C TYR A 184 -1.78 -6.83 -1.10
N ALA A 185 -0.89 -7.10 -2.05
CA ALA A 185 0.51 -7.34 -1.75
C ALA A 185 1.30 -6.05 -1.91
N ASP A 186 2.23 -5.82 -0.99
CA ASP A 186 2.97 -4.57 -0.99
C ASP A 186 3.99 -4.55 -2.12
N SER A 187 4.58 -3.37 -2.30
CA SER A 187 5.70 -3.17 -3.21
C SER A 187 6.86 -4.09 -2.87
N LEU A 188 7.54 -4.53 -3.93
CA LEU A 188 8.75 -5.34 -3.84
C LEU A 188 9.89 -4.69 -4.58
N SER A 189 9.75 -3.42 -4.93
CA SER A 189 10.77 -2.64 -5.57
C SER A 189 11.80 -2.21 -4.54
N ALA A 190 12.96 -1.78 -5.04
CA ALA A 190 14.02 -1.23 -4.19
C ALA A 190 14.62 0.00 -4.87
N PRO A 191 13.81 1.08 -5.05
CA PRO A 191 14.20 2.18 -5.94
C PRO A 191 15.35 3.01 -5.42
N GLY A 192 16.52 2.84 -6.04
CA GLY A 192 17.73 3.51 -5.61
C GLY A 192 18.36 2.98 -4.34
N TYR A 193 17.89 1.84 -3.84
CA TYR A 193 18.42 1.32 -2.57
C TYR A 193 19.80 0.73 -2.74
N GLN A 194 20.63 0.90 -1.71
CA GLN A 194 21.83 0.09 -1.53
C GLN A 194 21.39 -1.23 -0.92
N LEU A 195 21.52 -2.30 -1.68
CA LEU A 195 21.03 -3.60 -1.25
C LEU A 195 22.04 -4.35 -0.38
N GLN A 196 23.31 -4.36 -0.79
CA GLN A 196 24.33 -5.17 -0.13
C GLN A 196 25.07 -4.34 0.92
N GLY A 197 25.26 -4.92 2.10
CA GLY A 197 26.07 -4.28 3.12
C GLY A 197 25.53 -2.95 3.56
N ASN A 198 24.21 -2.80 3.59
CA ASN A 198 23.61 -1.55 4.00
C ASN A 198 23.63 -1.45 5.52
N PRO A 199 24.31 -0.47 6.11
CA PRO A 199 24.41 -0.46 7.58
C PRO A 199 23.08 -0.21 8.26
N ARG A 200 22.15 0.46 7.60
CA ARG A 200 20.84 0.70 8.17
C ARG A 200 19.88 -0.48 7.98
N TYR A 201 20.22 -1.45 7.14
CA TYR A 201 19.35 -2.61 6.91
C TYR A 201 20.22 -3.80 6.55
N PRO A 202 20.90 -4.38 7.55
CA PRO A 202 21.94 -5.38 7.24
C PRO A 202 21.39 -6.65 6.60
N HIS A 203 20.16 -7.03 6.92
CA HIS A 203 19.57 -8.26 6.40
C HIS A 203 18.57 -7.97 5.29
N LEU A 204 18.73 -6.84 4.59
CA LEU A 204 17.82 -6.45 3.53
C LEU A 204 17.61 -7.57 2.53
N ILE A 205 18.70 -8.15 2.03
CA ILE A 205 18.56 -9.14 0.96
C ILE A 205 17.79 -10.37 1.45
N GLU A 206 18.15 -10.88 2.64
CA GLU A 206 17.44 -12.02 3.22
C GLU A 206 15.94 -11.71 3.38
N ASP A 207 15.62 -10.47 3.80
CA ASP A 207 14.21 -10.13 3.99
C ASP A 207 13.47 -10.10 2.65
N TYR A 208 14.08 -9.50 1.62
CA TYR A 208 13.44 -9.52 0.30
C TYR A 208 13.22 -10.95 -0.18
N ARG A 209 14.20 -11.84 0.00
CA ARG A 209 14.04 -13.20 -0.51
C ARG A 209 12.92 -13.92 0.21
N ARG A 210 12.81 -13.73 1.52
CA ARG A 210 11.70 -14.31 2.27
C ARG A 210 10.38 -13.72 1.79
N SER A 211 10.37 -12.40 1.52
CA SER A 211 9.14 -11.75 1.08
C SER A 211 8.69 -12.24 -0.29
N PHE A 212 9.63 -12.52 -1.22
CA PHE A 212 9.20 -13.15 -2.48
C PHE A 212 8.46 -14.45 -2.21
N ALA A 213 8.96 -15.25 -1.28
CA ALA A 213 8.35 -16.54 -0.98
C ALA A 213 6.98 -16.36 -0.33
N THR A 214 6.86 -15.36 0.56
CA THR A 214 5.57 -15.06 1.17
C THR A 214 4.54 -14.68 0.13
N VAL A 215 4.92 -13.79 -0.79
CA VAL A 215 3.97 -13.33 -1.81
C VAL A 215 3.54 -14.48 -2.71
N ARG A 216 4.51 -15.31 -3.14
CA ARG A 216 4.22 -16.45 -4.00
C ARG A 216 3.16 -17.35 -3.39
N ALA A 217 3.11 -17.46 -2.07
CA ALA A 217 2.24 -18.40 -1.39
C ALA A 217 0.95 -17.80 -0.89
N LEU A 218 0.67 -16.52 -1.13
CA LEU A 218 -0.54 -15.90 -0.60
C LEU A 218 -1.80 -16.53 -1.20
N PRO A 219 -2.89 -16.58 -0.44
CA PRO A 219 -4.20 -16.90 -1.04
C PRO A 219 -4.59 -15.78 -1.97
N CYS A 220 -4.79 -16.10 -3.25
CA CYS A 220 -4.68 -15.05 -4.25
C CYS A 220 -5.46 -15.35 -5.53
N ASP A 221 -6.80 -15.23 -5.47
CA ASP A 221 -7.57 -15.23 -6.71
C ASP A 221 -7.38 -13.93 -7.50
N VAL A 222 -7.22 -12.82 -6.79
CA VAL A 222 -7.04 -11.51 -7.39
C VAL A 222 -5.93 -10.80 -6.64
N LEU A 223 -4.88 -10.41 -7.35
CA LEU A 223 -3.78 -9.63 -6.81
C LEU A 223 -4.01 -8.17 -7.11
N LEU A 224 -3.84 -7.33 -6.09
CA LEU A 224 -3.77 -5.87 -6.22
C LEU A 224 -2.47 -5.40 -5.57
N THR A 225 -1.94 -4.27 -6.05
CA THR A 225 -0.69 -3.73 -5.51
C THR A 225 -0.79 -2.22 -5.34
N PRO A 226 -0.01 -1.64 -4.42
CA PRO A 226 -0.10 -0.19 -4.19
C PRO A 226 0.11 0.64 -5.43
N HIS A 227 1.10 0.28 -6.24
CA HIS A 227 1.24 0.84 -7.57
C HIS A 227 0.59 -0.17 -8.52
N PRO A 228 -0.56 0.15 -9.12
CA PRO A 228 -1.26 -0.87 -9.92
C PRO A 228 -0.43 -1.46 -11.03
N GLY A 229 0.49 -0.70 -11.62
CA GLY A 229 1.29 -1.22 -12.71
C GLY A 229 2.14 -2.40 -12.29
N ALA A 230 2.50 -2.48 -11.00
CA ALA A 230 3.33 -3.59 -10.54
C ALA A 230 2.62 -4.93 -10.71
N SER A 231 1.30 -4.94 -10.65
CA SER A 231 0.53 -6.17 -10.84
C SER A 231 -0.24 -6.15 -12.15
N ASN A 232 0.08 -5.21 -13.04
CA ASN A 232 -0.48 -5.13 -14.39
C ASN A 232 -1.96 -4.77 -14.39
N TRP A 233 -2.41 -4.06 -13.36
CA TRP A 233 -3.72 -3.42 -13.40
C TRP A 233 -3.64 -2.13 -14.18
N ASP A 234 -4.77 -1.76 -14.82
CA ASP A 234 -4.93 -0.50 -15.51
C ASP A 234 -6.26 0.10 -15.04
N TYR A 235 -6.21 0.93 -14.00
CA TYR A 235 -7.44 1.43 -13.43
C TYR A 235 -8.23 2.31 -14.38
N ALA A 236 -7.60 2.84 -15.42
CA ALA A 236 -8.31 3.67 -16.39
C ALA A 236 -9.02 2.85 -17.46
N ALA A 237 -8.89 1.52 -17.44
CA ALA A 237 -9.41 0.67 -18.51
C ALA A 237 -10.79 0.10 -18.19
N GLY A 238 -11.47 0.62 -17.17
CA GLY A 238 -12.88 0.32 -16.97
C GLY A 238 -13.13 -1.15 -16.72
N ALA A 239 -14.00 -1.74 -17.55
CA ALA A 239 -14.43 -3.12 -17.37
C ALA A 239 -13.30 -4.11 -17.57
N ARG A 240 -12.17 -3.68 -18.13
CA ARG A 240 -11.03 -4.57 -18.30
C ARG A 240 -9.84 -4.11 -17.48
N ALA A 241 -10.08 -3.30 -16.44
CA ALA A 241 -8.99 -2.81 -15.61
C ALA A 241 -8.11 -3.93 -15.05
N GLY A 242 -8.73 -5.02 -14.62
CA GLY A 242 -8.00 -6.12 -13.99
C GLY A 242 -7.74 -7.29 -14.90
N ALA A 243 -8.07 -7.17 -16.19
CA ALA A 243 -8.04 -8.33 -17.06
C ALA A 243 -6.63 -8.91 -17.13
N LYS A 244 -5.62 -8.05 -17.18
CA LYS A 244 -4.24 -8.48 -17.38
C LYS A 244 -3.49 -8.66 -16.08
N ALA A 245 -4.16 -8.58 -14.93
CA ALA A 245 -3.47 -8.63 -13.66
C ALA A 245 -2.67 -9.92 -13.52
N LEU A 246 -1.49 -9.79 -12.95
CA LEU A 246 -0.65 -10.91 -12.60
C LEU A 246 -1.24 -11.74 -11.47
N THR A 247 -0.89 -13.02 -11.45
CA THR A 247 -1.00 -13.81 -10.24
C THR A 247 0.02 -13.36 -9.20
N CYS A 248 -0.20 -13.74 -7.95
CA CYS A 248 0.80 -13.48 -6.93
C CYS A 248 2.11 -14.19 -7.26
N LYS A 249 2.04 -15.41 -7.80
CA LYS A 249 3.24 -16.13 -8.18
C LYS A 249 4.03 -15.36 -9.23
N ALA A 250 3.33 -14.81 -10.22
CA ALA A 250 4.02 -14.11 -11.31
C ALA A 250 4.58 -12.79 -10.81
N TYR A 251 3.86 -12.12 -9.92
CA TYR A 251 4.35 -10.88 -9.33
C TYR A 251 5.63 -11.13 -8.56
N ALA A 252 5.62 -12.18 -7.73
CA ALA A 252 6.81 -12.51 -6.95
C ALA A 252 7.98 -12.87 -7.85
N ASP A 253 7.71 -13.66 -8.89
CA ASP A 253 8.79 -14.06 -9.79
C ASP A 253 9.38 -12.85 -10.51
N ALA A 254 8.53 -11.96 -11.00
CA ALA A 254 9.01 -10.77 -11.69
C ALA A 254 9.82 -9.89 -10.77
N ALA A 255 9.36 -9.72 -9.53
CA ALA A 255 10.07 -8.88 -8.56
C ALA A 255 11.43 -9.48 -8.23
N GLU A 256 11.50 -10.80 -8.10
CA GLU A 256 12.76 -11.45 -7.78
C GLU A 256 13.75 -11.34 -8.94
N GLN A 257 13.26 -11.51 -10.17
CA GLN A 257 14.15 -11.34 -11.33
C GLN A 257 14.68 -9.91 -11.42
N LYS A 258 13.82 -8.91 -11.20
CA LYS A 258 14.29 -7.53 -11.18
C LYS A 258 15.30 -7.30 -10.06
N PHE A 259 15.01 -7.84 -8.87
CA PHE A 259 15.89 -7.71 -7.73
C PHE A 259 17.26 -8.32 -8.01
N ASP A 260 17.29 -9.52 -8.59
CA ASP A 260 18.55 -10.17 -8.92
C ASP A 260 19.34 -9.35 -9.93
N GLY A 261 18.64 -8.75 -10.90
CA GLY A 261 19.33 -7.87 -11.83
C GLY A 261 19.90 -6.65 -11.14
N GLN A 262 19.16 -6.07 -10.21
CA GLN A 262 19.65 -4.91 -9.48
C GLN A 262 20.88 -5.26 -8.64
N LEU A 263 20.85 -6.43 -8.00
CA LEU A 263 21.99 -6.88 -7.22
C LEU A 263 23.22 -7.02 -8.09
N ALA A 264 23.05 -7.61 -9.27
CA ALA A 264 24.17 -7.77 -10.19
C ALA A 264 24.71 -6.43 -10.65
N LYS A 265 23.81 -5.48 -10.94
CA LYS A 265 24.26 -4.15 -11.34
C LYS A 265 24.96 -3.44 -10.19
N GLU A 266 24.50 -3.65 -8.97
CA GLU A 266 25.13 -3.02 -7.82
C GLU A 266 26.55 -3.54 -7.66
N THR A 267 26.73 -4.85 -7.79
CA THR A 267 28.06 -5.44 -7.74
C THR A 267 28.97 -4.88 -8.84
N ALA A 268 28.40 -4.61 -10.01
CA ALA A 268 29.19 -4.07 -11.11
C ALA A 268 29.39 -2.55 -11.01
N GLY A 269 28.68 -1.86 -10.13
CA GLY A 269 28.71 -0.42 -10.06
C GLY A 269 29.39 0.10 -8.80
ZN ZN B . 5.06 3.62 -3.57
ZN ZN C . 7.32 2.89 -0.93
C11 RBW D . 8.25 2.89 -6.67
C12 RBW D . 8.75 4.23 -6.63
C13 RBW D . 9.43 5.03 -7.54
C14 RBW D . 9.82 6.30 -7.18
C15 RBW D . 9.55 6.83 -5.91
C16 RBW D . 8.22 1.98 -7.81
C17 RBW D . 9.33 1.34 -8.40
C18 RBW D . 9.23 0.50 -9.52
C19 RBW D . 8.01 0.24 -10.18
C22 RBW D . 6.66 -2.97 -12.61
C25 RBW D . 6.94 0.91 -9.58
C27 RBW D . 7.03 1.73 -8.48
C01 RBW D . 8.06 8.11 -3.61
C02 RBW D . 8.56 6.64 -3.59
C03 RBW D . 9.67 6.47 -2.58
C04 RBW D . 8.87 6.09 -4.95
C05 RBW D . 8.48 4.80 -5.34
C07 RBW D . 7.64 2.71 -5.42
C08 RBW D . 6.92 1.50 -4.82
C20 RBW D . 7.90 -0.67 -11.40
N06 RBW D . 7.81 3.82 -4.64
O09 RBW D . 6.18 1.72 -3.81
O10 RBW D . 7.12 0.41 -5.42
O23 RBW D . 6.17 -2.20 -10.24
O24 RBW D . 8.37 -3.13 -10.66
S21 RBW D . 7.30 -2.30 -11.10
CL1 RBW D . 5.32 0.70 -10.27
H131 RBW D . 9.62 4.70 -8.39
H141 RBW D . 10.28 6.82 -7.81
H151 RBW D . 9.84 7.70 -5.73
H171 RBW D . 10.18 1.47 -8.02
H181 RBW D . 10.00 0.10 -9.85
H221 RBW D . 5.87 -2.58 -13.02
H222 RBW D . 6.34 -3.87 -12.54
H223 RBW D . 7.23 -3.08 -13.39
H271 RBW D . 6.25 2.12 -8.17
H011 RBW D . 8.41 8.66 -2.90
H013 RBW D . 7.09 8.22 -3.54
H012 RBW D . 8.27 8.58 -4.44
H021 RBW D . 7.81 6.13 -3.22
H033 RBW D . 10.45 7.02 -2.78
H032 RBW D . 9.98 5.57 -2.48
H031 RBW D . 9.41 6.74 -1.69
H202 RBW D . 8.75 -0.66 -11.87
H201 RBW D . 7.38 -0.20 -12.08
H061 RBW D . 7.53 3.91 -3.83
S SO4 E . -10.52 -8.48 15.80
O1 SO4 E . -11.67 -8.45 16.70
O2 SO4 E . -10.42 -7.21 15.10
O3 SO4 E . -9.28 -8.73 16.58
O4 SO4 E . -10.73 -9.54 14.80
S SO4 F . -11.66 -7.01 -14.94
O1 SO4 F . -13.07 -7.33 -14.70
O2 SO4 F . -11.44 -5.59 -14.76
O3 SO4 F . -11.29 -7.41 -16.30
O4 SO4 F . -10.84 -7.76 -13.99
#